data_5NDB
#
_entry.id   5NDB
#
_cell.length_a   130.758
_cell.length_b   130.758
_cell.length_c   102.759
_cell.angle_alpha   90.00
_cell.angle_beta   90.00
_cell.angle_gamma   90.00
#
_symmetry.space_group_name_H-M   'P 42 2 2'
#
loop_
_entity.id
_entity.type
_entity.pdbx_description
1 polymer 'Beta-lactamase IMP-1'
2 non-polymer 'ZINC ION'
3 non-polymer GLYCEROL
4 non-polymer 'DIMETHYL SULFOXIDE'
5 non-polymer 'CHLORIDE ION'
6 non-polymer '(1~{S},4~{R},5~{S})-7,7-bis(chloranyl)-6,6-bis(oxidanyl)-2$l^{4}-thiabicyclo[3.2.0]hept-2-ene-4-carboxylic acid'
7 non-polymer 'SULFATE ION'
8 non-polymer 2-AMINO-2-HYDROXYMETHYL-PROPANE-1,3-DIOL
9 water water
#
_entity_poly.entity_id   1
_entity_poly.type   'polypeptide(L)'
_entity_poly.pdbx_seq_one_letter_code
;GPKSSDHVDLPYNLTATKIDSDVFVVTDRDFYSSNVLVAKMLDGTVVIVSSPFENLGTQTLMDWVAKTMKPKKVVAINTH
FHLDGTGGNEIYKKMGAETWSSDLTKQLRLEENKKDRIKAAEFYKNEDLKRRILSSHPVPADNVFDLKQGKVFSFSNELV
EVSFPGPAHSPDNVVVYFPKKKLLFGGCMIKPKELGYLGDANVKAWPDSARRLKKFDAKIVIPGHGEWGGPEMVNKTIKV
AEKAVGEMRL
;
_entity_poly.pdbx_strand_id   A,B
#
loop_
_chem_comp.id
_chem_comp.type
_chem_comp.name
_chem_comp.formula
8TW non-polymer '(1~{S},4~{R},5~{S})-7,7-bis(chloranyl)-6,6-bis(oxidanyl)-2$l^{4}-thiabicyclo[3.2.0]hept-2-ene-4-carboxylic acid' 'C7 H8 Cl2 O4 S'
CL non-polymer 'CHLORIDE ION' 'Cl -1'
DMS non-polymer 'DIMETHYL SULFOXIDE' 'C2 H6 O S'
GOL non-polymer GLYCEROL 'C3 H8 O3'
SO4 non-polymer 'SULFATE ION' 'O4 S -2'
TRS non-polymer 2-AMINO-2-HYDROXYMETHYL-PROPANE-1,3-DIOL 'C4 H12 N O3 1'
ZN non-polymer 'ZINC ION' 'Zn 2'
#
# COMPACT_ATOMS: atom_id res chain seq x y z
N ASP A 6 -1.01 -19.15 -25.33
CA ASP A 6 0.32 -19.39 -25.90
C ASP A 6 1.34 -18.32 -25.56
N HIS A 7 2.38 -18.76 -24.85
CA HIS A 7 3.44 -17.85 -24.42
C HIS A 7 4.80 -18.47 -24.63
N VAL A 8 5.82 -17.63 -24.75
CA VAL A 8 7.18 -18.11 -24.75
C VAL A 8 7.86 -17.78 -23.41
N ASP A 9 8.56 -18.76 -22.84
CA ASP A 9 9.25 -18.53 -21.56
C ASP A 9 10.64 -17.96 -21.80
N LEU A 10 10.99 -16.91 -21.04
CA LEU A 10 12.29 -16.26 -21.15
C LEU A 10 13.07 -16.40 -19.84
N PRO A 11 14.39 -16.14 -19.87
CA PRO A 11 15.16 -16.08 -18.62
C PRO A 11 14.57 -15.16 -17.55
N TYR A 12 14.87 -15.47 -16.29
CA TYR A 12 14.45 -14.68 -15.15
C TYR A 12 12.96 -14.55 -15.04
N ASN A 13 12.25 -15.58 -15.47
CA ASN A 13 10.83 -15.73 -15.22
C ASN A 13 9.95 -14.68 -15.94
N LEU A 14 10.45 -14.15 -17.06
CA LEU A 14 9.64 -13.35 -17.98
C LEU A 14 8.89 -14.27 -18.94
N THR A 15 7.70 -13.85 -19.36
CA THR A 15 6.99 -14.57 -20.39
C THR A 15 6.50 -13.59 -21.45
N ALA A 16 6.57 -13.99 -22.72
CA ALA A 16 6.12 -13.16 -23.80
C ALA A 16 4.92 -13.81 -24.47
N THR A 17 3.85 -13.03 -24.61
CA THR A 17 2.61 -13.46 -25.27
C THR A 17 2.30 -12.57 -26.49
N LYS A 18 2.01 -13.19 -27.63
CA LYS A 18 1.51 -12.48 -28.80
C LYS A 18 0.04 -12.19 -28.59
N ILE A 19 -0.36 -10.92 -28.64
CA ILE A 19 -1.78 -10.59 -28.47
C ILE A 19 -2.39 -10.04 -29.76
N ASP A 20 -1.54 -9.93 -30.79
CA ASP A 20 -1.93 -9.36 -32.08
C ASP A 20 -0.71 -9.37 -32.99
N SER A 21 -0.90 -8.99 -34.25
CA SER A 21 0.19 -8.89 -35.21
C SER A 21 1.14 -7.81 -34.74
N ASP A 22 2.43 -8.15 -34.57
CA ASP A 22 3.43 -7.16 -34.16
C ASP A 22 3.17 -6.57 -32.78
N VAL A 23 2.37 -7.25 -31.95
CA VAL A 23 2.08 -6.74 -30.61
C VAL A 23 2.21 -7.82 -29.54
N PHE A 24 3.11 -7.60 -28.59
CA PHE A 24 3.33 -8.57 -27.53
C PHE A 24 3.22 -7.93 -26.16
N VAL A 25 2.79 -8.73 -25.19
CA VAL A 25 2.92 -8.34 -23.79
C VAL A 25 3.96 -9.24 -23.12
N VAL A 26 4.98 -8.59 -22.57
CA VAL A 26 6.00 -9.29 -21.83
C VAL A 26 5.76 -9.09 -20.33
N THR A 27 5.66 -10.18 -19.58
CA THR A 27 5.33 -10.11 -18.17
C THR A 27 6.48 -10.56 -17.26
N ASP A 28 6.81 -9.71 -16.29
CA ASP A 28 7.81 -10.00 -15.28
C ASP A 28 7.13 -10.67 -14.11
N ARG A 29 7.15 -12.00 -14.08
CA ARG A 29 6.39 -12.71 -13.07
C ARG A 29 7.14 -12.77 -11.74
N ASP A 30 8.41 -12.37 -11.72
CA ASP A 30 9.12 -12.25 -10.45
C ASP A 30 8.67 -11.03 -9.67
N PHE A 31 8.38 -9.93 -10.38
CA PHE A 31 8.05 -8.67 -9.73
C PHE A 31 6.60 -8.27 -10.03
N TYR A 32 5.69 -8.87 -9.29
CA TYR A 32 4.26 -8.51 -9.25
C TYR A 32 3.57 -8.64 -10.59
N SER A 33 4.14 -9.47 -11.46
CA SER A 33 3.48 -9.81 -12.70
C SER A 33 3.27 -8.54 -13.55
N SER A 34 4.32 -7.74 -13.64
CA SER A 34 4.26 -6.46 -14.33
C SER A 34 4.24 -6.63 -15.83
N ASN A 35 3.33 -5.92 -16.50
CA ASN A 35 3.22 -6.03 -17.95
C ASN A 35 4.00 -4.95 -18.69
N VAL A 36 4.64 -5.38 -19.76
CA VAL A 36 5.41 -4.52 -20.64
C VAL A 36 4.92 -4.74 -22.06
N LEU A 37 4.56 -3.64 -22.72
CA LEU A 37 4.05 -3.73 -24.08
C LEU A 37 5.16 -3.51 -25.07
N VAL A 38 5.22 -4.40 -26.05
CA VAL A 38 6.18 -4.27 -27.14
C VAL A 38 5.41 -4.32 -28.46
N ALA A 39 5.53 -3.26 -29.24
CA ALA A 39 4.78 -3.13 -30.47
C ALA A 39 5.73 -2.77 -31.59
N LYS A 40 5.69 -3.55 -32.66
CA LYS A 40 6.51 -3.23 -33.82
C LYS A 40 5.69 -2.37 -34.79
N MET A 41 6.17 -1.16 -35.08
CA MET A 41 5.48 -0.30 -36.03
C MET A 41 5.64 -0.81 -37.45
N LEU A 42 4.73 -0.40 -38.33
CA LEU A 42 4.74 -0.80 -39.73
C LEU A 42 6.08 -0.48 -40.39
N ASP A 43 6.71 0.62 -39.98
CA ASP A 43 7.98 1.03 -40.58
C ASP A 43 9.21 0.43 -39.86
N GLY A 44 8.97 -0.56 -39.00
CA GLY A 44 10.05 -1.29 -38.33
C GLY A 44 10.49 -0.79 -36.96
N THR A 45 10.10 0.43 -36.59
CA THR A 45 10.39 0.95 -35.26
C THR A 45 9.64 0.12 -34.23
N VAL A 46 10.30 -0.14 -33.10
CA VAL A 46 9.71 -0.89 -32.02
C VAL A 46 9.42 0.02 -30.85
N VAL A 47 8.20 -0.04 -30.35
CA VAL A 47 7.79 0.80 -29.24
C VAL A 47 7.59 -0.05 -28.00
N ILE A 48 8.20 0.40 -26.91
CA ILE A 48 8.11 -0.30 -25.63
C ILE A 48 7.49 0.60 -24.56
N VAL A 49 6.45 0.10 -23.91
CA VAL A 49 5.75 0.88 -22.91
C VAL A 49 5.95 0.22 -21.54
N SER A 50 6.39 1.01 -20.58
CA SER A 50 6.73 0.55 -19.23
C SER A 50 8.02 -0.29 -19.25
N SER A 51 8.25 -1.06 -18.19
CA SER A 51 9.51 -1.80 -18.02
C SER A 51 9.44 -2.89 -16.95
N PRO A 52 10.34 -3.90 -17.04
CA PRO A 52 10.57 -4.77 -15.89
C PRO A 52 11.20 -3.96 -14.75
N PHE A 53 11.23 -4.50 -13.54
CA PHE A 53 11.74 -3.77 -12.37
C PHE A 53 13.23 -3.44 -12.41
N GLU A 54 14.06 -4.30 -13.00
CA GLU A 54 15.49 -4.08 -12.89
C GLU A 54 16.31 -4.61 -14.08
N ASN A 55 17.63 -4.55 -13.94
CA ASN A 55 18.53 -4.74 -15.10
C ASN A 55 18.55 -6.14 -15.72
N LEU A 56 18.38 -7.19 -14.90
CA LEU A 56 18.40 -8.54 -15.46
C LEU A 56 17.15 -8.81 -16.30
N GLY A 57 16.00 -8.45 -15.77
CA GLY A 57 14.76 -8.58 -16.53
C GLY A 57 14.79 -7.72 -17.79
N THR A 58 15.22 -6.48 -17.66
CA THR A 58 15.25 -5.62 -18.81
C THR A 58 16.22 -6.11 -19.87
N GLN A 59 17.41 -6.55 -19.47
CA GLN A 59 18.37 -7.09 -20.44
C GLN A 59 17.80 -8.30 -21.16
N THR A 60 17.12 -9.17 -20.41
CA THR A 60 16.42 -10.30 -21.00
C THR A 60 15.41 -9.83 -22.05
N LEU A 61 14.62 -8.81 -21.70
CA LEU A 61 13.62 -8.23 -22.62
C LEU A 61 14.29 -7.74 -23.90
N MET A 62 15.32 -6.92 -23.76
CA MET A 62 16.00 -6.34 -24.92
C MET A 62 16.70 -7.38 -25.81
N ASP A 63 17.23 -8.44 -25.20
CA ASP A 63 17.80 -9.56 -25.96
C ASP A 63 16.73 -10.18 -26.87
N TRP A 64 15.57 -10.45 -26.29
CA TRP A 64 14.46 -11.09 -27.01
C TRP A 64 13.90 -10.17 -28.09
N VAL A 65 13.84 -8.88 -27.82
CA VAL A 65 13.35 -7.92 -28.80
C VAL A 65 14.33 -7.91 -29.97
N ALA A 66 15.61 -7.87 -29.62
CA ALA A 66 16.69 -7.82 -30.60
C ALA A 66 16.68 -9.05 -31.51
N LYS A 67 16.50 -10.22 -30.91
CA LYS A 67 16.51 -11.46 -31.66
C LYS A 67 15.26 -11.59 -32.55
N THR A 68 14.10 -11.37 -31.98
CA THR A 68 12.87 -11.70 -32.67
C THR A 68 12.29 -10.60 -33.56
N MET A 69 12.75 -9.35 -33.37
CA MET A 69 12.20 -8.23 -34.13
C MET A 69 13.24 -7.42 -34.90
N LYS A 70 14.49 -7.53 -34.48
CA LYS A 70 15.63 -6.87 -35.15
C LYS A 70 15.35 -5.43 -35.59
N PRO A 71 15.13 -4.53 -34.64
CA PRO A 71 14.79 -3.13 -34.96
C PRO A 71 16.02 -2.26 -35.19
N LYS A 72 15.89 -1.24 -36.02
CA LYS A 72 16.95 -0.24 -36.14
C LYS A 72 16.77 0.87 -35.10
N LYS A 73 15.52 1.07 -34.67
CA LYS A 73 15.22 2.11 -33.69
C LYS A 73 14.24 1.58 -32.62
N VAL A 74 14.50 1.93 -31.36
CA VAL A 74 13.59 1.56 -30.28
C VAL A 74 13.22 2.78 -29.45
N VAL A 75 11.92 2.93 -29.22
CA VAL A 75 11.42 4.01 -28.38
C VAL A 75 10.75 3.41 -27.13
N ALA A 76 11.22 3.86 -25.96
CA ALA A 76 10.72 3.32 -24.71
C ALA A 76 10.05 4.43 -23.93
N ILE A 77 8.80 4.17 -23.51
CA ILE A 77 7.98 5.19 -22.85
C ILE A 77 7.66 4.79 -21.41
N ASN A 78 8.17 5.56 -20.45
CA ASN A 78 7.89 5.31 -19.02
C ASN A 78 6.44 5.70 -18.66
N THR A 79 5.71 4.82 -17.99
CA THR A 79 4.29 5.09 -17.70
C THR A 79 4.07 5.85 -16.40
N HIS A 80 4.99 5.69 -15.45
CA HIS A 80 5.05 6.48 -14.22
C HIS A 80 6.40 6.19 -13.54
N PHE A 81 6.67 6.80 -12.38
CA PHE A 81 8.04 6.80 -11.85
C PHE A 81 8.42 5.50 -11.11
N HIS A 82 7.44 4.66 -10.76
CA HIS A 82 7.70 3.39 -10.07
C HIS A 82 8.60 2.48 -10.91
N LEU A 83 9.13 1.43 -10.29
CA LEU A 83 10.11 0.57 -10.96
C LEU A 83 9.52 -0.13 -12.19
N ASP A 84 8.26 -0.54 -12.11
CA ASP A 84 7.54 -0.94 -13.35
C ASP A 84 7.15 0.36 -14.05
N GLY A 85 8.10 0.91 -14.80
CA GLY A 85 7.95 2.23 -15.39
C GLY A 85 9.32 2.84 -15.66
N THR A 86 10.16 2.96 -14.63
CA THR A 86 11.51 3.51 -14.85
C THR A 86 12.65 2.51 -14.65
N GLY A 87 12.33 1.33 -14.15
CA GLY A 87 13.34 0.35 -13.82
C GLY A 87 14.14 -0.15 -15.00
N GLY A 88 13.61 0.01 -16.21
CA GLY A 88 14.28 -0.43 -17.42
C GLY A 88 15.21 0.60 -18.07
N ASN A 89 15.26 1.82 -17.51
CA ASN A 89 15.95 2.90 -18.21
C ASN A 89 17.45 2.70 -18.36
N GLU A 90 18.11 2.22 -17.30
CA GLU A 90 19.56 1.94 -17.33
C GLU A 90 19.91 1.08 -18.55
N ILE A 91 19.19 -0.04 -18.72
CA ILE A 91 19.48 -0.96 -19.81
C ILE A 91 18.97 -0.48 -21.18
N TYR A 92 17.78 0.14 -21.23
CA TYR A 92 17.26 0.70 -22.49
C TYR A 92 18.31 1.65 -23.08
N LYS A 93 18.79 2.59 -22.26
CA LYS A 93 19.78 3.54 -22.70
C LYS A 93 21.08 2.85 -23.13
N LYS A 94 21.58 1.92 -22.31
CA LYS A 94 22.78 1.14 -22.65
C LYS A 94 22.64 0.36 -23.96
N MET A 95 21.44 -0.10 -24.28
CA MET A 95 21.23 -0.85 -25.53
C MET A 95 20.95 0.08 -26.69
N GLY A 96 20.89 1.39 -26.41
CA GLY A 96 20.73 2.38 -27.46
C GLY A 96 19.31 2.87 -27.71
N ALA A 97 18.35 2.45 -26.88
CA ALA A 97 16.96 2.87 -27.04
C ALA A 97 16.77 4.34 -26.70
N GLU A 98 15.69 4.89 -27.21
CA GLU A 98 15.37 6.29 -26.94
C GLU A 98 14.30 6.29 -25.83
N THR A 99 14.67 6.79 -24.65
CA THR A 99 13.78 6.70 -23.50
C THR A 99 13.03 8.00 -23.24
N TRP A 100 11.73 7.89 -23.00
CA TRP A 100 10.86 9.06 -22.81
C TRP A 100 10.02 8.96 -21.54
N SER A 101 9.75 10.10 -20.92
CA SER A 101 8.79 10.18 -19.83
C SER A 101 8.26 11.62 -19.67
N SER A 102 7.23 11.79 -18.85
CA SER A 102 6.85 13.15 -18.50
C SER A 102 7.94 13.80 -17.65
N ASP A 103 7.91 15.13 -17.57
CA ASP A 103 8.82 15.87 -16.71
C ASP A 103 8.59 15.52 -15.22
N LEU A 104 7.33 15.37 -14.84
CA LEU A 104 6.99 15.02 -13.47
C LEU A 104 7.52 13.63 -13.11
N THR A 105 7.37 12.67 -14.03
CA THR A 105 7.89 11.33 -13.80
C THR A 105 9.41 11.37 -13.55
N LYS A 106 10.15 12.14 -14.36
CA LYS A 106 11.60 12.23 -14.15
C LYS A 106 11.91 12.83 -12.78
N GLN A 107 11.17 13.87 -12.43
CA GLN A 107 11.31 14.56 -11.16
C GLN A 107 11.09 13.64 -9.94
N LEU A 108 10.03 12.85 -9.97
CA LEU A 108 9.69 12.00 -8.85
C LEU A 108 10.70 10.85 -8.73
N ARG A 109 11.20 10.38 -9.88
CA ARG A 109 12.20 9.33 -9.87
C ARG A 109 13.48 9.82 -9.17
N LEU A 110 13.92 11.03 -9.49
CA LEU A 110 15.11 11.60 -8.86
C LEU A 110 14.89 11.81 -7.37
N GLU A 111 13.68 12.23 -7.01
CA GLU A 111 13.31 12.43 -5.63
C GLU A 111 13.35 11.12 -4.84
N GLU A 112 12.77 10.07 -5.41
CA GLU A 112 12.75 8.74 -4.82
C GLU A 112 14.17 8.18 -4.63
N ASN A 113 15.06 8.48 -5.56
CA ASN A 113 16.44 8.03 -5.47
C ASN A 113 17.18 8.66 -4.27
N LYS A 114 16.67 9.77 -3.74
CA LYS A 114 17.31 10.42 -2.60
C LYS A 114 17.23 9.51 -1.38
N LYS A 115 16.15 8.74 -1.30
CA LYS A 115 15.85 7.91 -0.15
C LYS A 115 16.86 6.78 0.07
N ASP A 116 16.97 6.33 1.32
CA ASP A 116 17.91 5.28 1.72
C ASP A 116 17.45 3.92 1.20
N ARG A 117 18.19 3.38 0.23
CA ARG A 117 17.81 2.15 -0.45
C ARG A 117 17.64 0.96 0.47
N ILE A 118 18.59 0.76 1.38
CA ILE A 118 18.60 -0.44 2.21
C ILE A 118 17.43 -0.42 3.20
N LYS A 119 17.09 0.75 3.70
CA LYS A 119 15.91 0.88 4.56
C LYS A 119 14.63 0.74 3.74
N ALA A 120 14.66 1.27 2.52
CA ALA A 120 13.51 1.22 1.60
C ALA A 120 13.21 -0.17 1.08
N ALA A 121 14.24 -0.89 0.62
CA ALA A 121 14.05 -2.20 -0.02
C ALA A 121 13.83 -3.30 1.00
N GLU A 122 13.70 -2.88 2.26
CA GLU A 122 13.43 -3.75 3.39
C GLU A 122 12.18 -4.61 3.19
N PHE A 123 11.18 -4.05 2.50
CA PHE A 123 9.86 -4.65 2.40
C PHE A 123 9.71 -5.68 1.26
N TYR A 124 10.79 -6.39 0.96
CA TYR A 124 10.73 -7.54 0.04
C TYR A 124 10.78 -8.91 0.74
N LYS A 125 11.69 -9.06 1.71
CA LYS A 125 11.84 -10.28 2.53
C LYS A 125 12.44 -11.45 1.72
N ASN A 126 12.20 -11.43 0.41
CA ASN A 126 12.78 -12.36 -0.56
C ASN A 126 14.23 -11.97 -0.87
N GLU A 127 15.17 -12.66 -0.24
CA GLU A 127 16.59 -12.32 -0.34
C GLU A 127 17.15 -12.31 -1.76
N ASP A 128 16.65 -13.19 -2.62
CA ASP A 128 17.13 -13.24 -3.99
C ASP A 128 16.71 -11.97 -4.76
N LEU A 129 15.45 -11.56 -4.57
CA LEU A 129 14.92 -10.38 -5.24
C LEU A 129 15.55 -9.10 -4.70
N LYS A 130 15.81 -9.07 -3.38
CA LYS A 130 16.43 -7.92 -2.75
C LYS A 130 17.80 -7.62 -3.33
N ARG A 131 18.59 -8.67 -3.57
CA ARG A 131 19.90 -8.51 -4.18
C ARG A 131 19.83 -7.99 -5.61
N ARG A 132 18.85 -8.49 -6.37
CA ARG A 132 18.67 -8.04 -7.76
C ARG A 132 18.27 -6.56 -7.77
N ILE A 133 17.36 -6.19 -6.89
CA ILE A 133 16.95 -4.80 -6.77
C ILE A 133 18.11 -3.88 -6.45
N LEU A 134 18.94 -4.24 -5.47
CA LEU A 134 20.02 -3.36 -5.03
C LEU A 134 21.18 -3.34 -6.02
N SER A 135 21.23 -4.31 -6.90
CA SER A 135 22.25 -4.32 -7.94
C SER A 135 21.85 -3.50 -9.16
N SER A 136 20.67 -2.89 -9.13
CA SER A 136 20.25 -2.00 -10.19
C SER A 136 20.11 -0.62 -9.59
N HIS A 137 20.27 0.42 -10.40
CA HIS A 137 20.18 1.77 -9.85
C HIS A 137 19.34 2.62 -10.81
N PRO A 138 18.03 2.71 -10.54
CA PRO A 138 17.07 3.32 -11.49
C PRO A 138 17.37 4.79 -11.81
N VAL A 139 17.33 5.10 -13.10
CA VAL A 139 17.54 6.46 -13.59
C VAL A 139 16.31 6.95 -14.37
N PRO A 140 16.16 8.27 -14.46
CA PRO A 140 15.08 8.79 -15.30
C PRO A 140 15.38 8.65 -16.78
N ALA A 141 14.37 8.87 -17.62
CA ALA A 141 14.50 8.88 -19.07
C ALA A 141 15.38 10.02 -19.57
N ASP A 142 15.97 9.83 -20.76
CA ASP A 142 16.77 10.90 -21.37
C ASP A 142 15.92 12.02 -21.97
N ASN A 143 14.68 11.73 -22.37
CA ASN A 143 13.84 12.76 -22.98
C ASN A 143 12.53 12.97 -22.25
N VAL A 144 12.12 14.24 -22.09
CA VAL A 144 10.92 14.53 -21.33
C VAL A 144 9.94 15.45 -22.08
N PHE A 145 8.65 15.32 -21.75
CA PHE A 145 7.61 16.22 -22.24
C PHE A 145 6.81 16.77 -21.06
N ASP A 146 6.12 17.89 -21.25
CA ASP A 146 5.31 18.43 -20.17
C ASP A 146 4.11 17.52 -19.94
N LEU A 147 3.94 17.10 -18.70
CA LEU A 147 2.94 16.10 -18.36
C LEU A 147 1.56 16.35 -18.96
N LYS A 148 1.04 17.54 -18.72
CA LYS A 148 -0.34 17.88 -19.05
C LYS A 148 -0.55 18.08 -20.56
N GLN A 149 0.54 18.34 -21.29
CA GLN A 149 0.48 18.44 -22.74
C GLN A 149 0.53 17.08 -23.41
N GLY A 150 1.17 16.11 -22.75
CA GLY A 150 1.37 14.79 -23.33
C GLY A 150 2.35 14.79 -24.50
N LYS A 151 2.28 13.76 -25.33
CA LYS A 151 3.24 13.59 -26.41
C LYS A 151 2.68 12.71 -27.50
N VAL A 152 2.90 13.09 -28.75
CA VAL A 152 2.52 12.23 -29.86
C VAL A 152 3.73 11.89 -30.72
N PHE A 153 3.94 10.60 -30.95
CA PHE A 153 4.99 10.14 -31.86
C PHE A 153 4.33 9.85 -33.22
N SER A 154 5.08 10.04 -34.29
CA SER A 154 4.58 9.69 -35.62
C SER A 154 5.66 8.86 -36.32
N PHE A 155 5.39 7.59 -36.56
CA PHE A 155 6.38 6.72 -37.19
C PHE A 155 5.90 6.36 -38.59
N SER A 156 6.34 7.14 -39.57
CA SER A 156 5.80 7.06 -40.94
C SER A 156 4.27 7.13 -40.90
N ASN A 157 3.78 8.14 -40.19
CA ASN A 157 2.34 8.42 -40.09
C ASN A 157 1.52 7.37 -39.29
N GLU A 158 2.18 6.40 -38.69
CA GLU A 158 1.54 5.55 -37.69
C GLU A 158 1.73 6.24 -36.32
N LEU A 159 0.63 6.59 -35.65
CA LEU A 159 0.72 7.42 -34.43
C LEU A 159 0.71 6.64 -33.12
N VAL A 160 1.46 7.17 -32.16
CA VAL A 160 1.45 6.67 -30.80
C VAL A 160 1.21 7.84 -29.85
N GLU A 161 0.11 7.79 -29.12
CA GLU A 161 -0.30 8.95 -28.32
C GLU A 161 -0.14 8.72 -26.81
N VAL A 162 0.58 9.62 -26.18
CA VAL A 162 0.80 9.57 -24.73
C VAL A 162 0.06 10.71 -24.05
N SER A 163 -0.81 10.39 -23.11
CA SER A 163 -1.56 11.47 -22.45
C SER A 163 -1.79 11.29 -20.96
N PHE A 164 -2.09 12.40 -20.29
CA PHE A 164 -2.32 12.42 -18.85
C PHE A 164 -3.81 12.58 -18.55
N PRO A 165 -4.47 11.53 -18.04
CA PRO A 165 -5.92 11.61 -17.80
C PRO A 165 -6.25 12.17 -16.41
N GLY A 166 -5.24 12.64 -15.69
CA GLY A 166 -5.43 13.06 -14.31
C GLY A 166 -4.82 12.11 -13.30
N PRO A 167 -4.62 12.59 -12.08
CA PRO A 167 -3.97 11.73 -11.10
C PRO A 167 -4.89 10.56 -10.72
N ALA A 168 -4.29 9.42 -10.39
CA ALA A 168 -5.06 8.24 -10.03
C ALA A 168 -4.19 7.30 -9.22
N HIS A 169 -3.55 6.33 -9.89
CA HIS A 169 -2.61 5.44 -9.21
C HIS A 169 -1.42 6.24 -8.68
N SER A 170 -0.95 7.19 -9.49
CA SER A 170 0.13 8.08 -9.08
C SER A 170 -0.13 9.48 -9.67
N PRO A 171 0.56 10.52 -9.17
CA PRO A 171 0.28 11.87 -9.66
C PRO A 171 0.71 12.02 -11.12
N ASP A 172 1.50 11.08 -11.62
CA ASP A 172 2.14 11.25 -12.91
C ASP A 172 1.73 10.18 -13.91
N ASN A 173 0.74 9.36 -13.59
CA ASN A 173 0.47 8.23 -14.49
C ASN A 173 -0.06 8.67 -15.86
N VAL A 174 0.55 8.14 -16.92
CA VAL A 174 0.09 8.41 -18.28
C VAL A 174 -0.32 7.12 -18.98
N VAL A 175 -1.14 7.24 -20.03
CA VAL A 175 -1.55 6.09 -20.81
C VAL A 175 -1.00 6.24 -22.23
N VAL A 176 -0.94 5.15 -22.96
CA VAL A 176 -0.37 5.18 -24.29
C VAL A 176 -1.33 4.51 -25.23
N TYR A 177 -1.75 5.23 -26.27
CA TYR A 177 -2.78 4.71 -27.17
C TYR A 177 -2.26 4.55 -28.61
N PHE A 178 -2.60 3.43 -29.20
CA PHE A 178 -2.20 3.07 -30.56
C PHE A 178 -3.45 3.00 -31.45
N PRO A 179 -3.79 4.11 -32.13
CA PRO A 179 -5.07 4.17 -32.86
C PRO A 179 -5.20 3.14 -33.98
N LYS A 180 -4.19 3.00 -34.83
CA LYS A 180 -4.25 2.02 -35.89
C LYS A 180 -4.51 0.60 -35.36
N LYS A 181 -3.96 0.28 -34.18
CA LYS A 181 -4.09 -1.08 -33.65
C LYS A 181 -5.20 -1.19 -32.61
N LYS A 182 -5.87 -0.06 -32.34
CA LYS A 182 -6.96 0.02 -31.35
C LYS A 182 -6.57 -0.50 -29.95
N LEU A 183 -5.37 -0.12 -29.54
CA LEU A 183 -4.75 -0.64 -28.32
C LEU A 183 -4.47 0.43 -27.26
N LEU A 184 -5.00 0.25 -26.06
CA LEU A 184 -4.71 1.18 -24.97
C LEU A 184 -3.89 0.49 -23.87
N PHE A 185 -2.70 1.02 -23.61
CA PHE A 185 -1.95 0.63 -22.43
C PHE A 185 -2.30 1.57 -21.30
N GLY A 186 -3.09 1.10 -20.36
CA GLY A 186 -3.57 1.96 -19.29
C GLY A 186 -2.73 1.93 -18.03
N GLY A 187 -1.89 0.90 -17.88
CA GLY A 187 -0.98 0.85 -16.74
C GLY A 187 -1.66 0.65 -15.41
N CYS A 188 -1.11 1.27 -14.37
CA CYS A 188 -1.50 0.87 -13.02
C CYS A 188 -2.68 1.68 -12.49
N MET A 189 -3.30 2.48 -13.35
CA MET A 189 -4.56 3.13 -13.00
C MET A 189 -5.71 2.27 -13.46
N ILE A 190 -5.40 1.26 -14.26
CA ILE A 190 -6.38 0.26 -14.63
C ILE A 190 -6.35 -0.83 -13.58
N LYS A 191 -7.39 -0.86 -12.77
CA LYS A 191 -7.47 -1.72 -11.59
C LYS A 191 -8.87 -2.29 -11.45
N PRO A 192 -9.16 -3.38 -12.18
CA PRO A 192 -10.52 -3.92 -12.31
C PRO A 192 -11.06 -4.64 -11.07
N LYS A 193 -10.21 -4.96 -10.10
CA LYS A 193 -10.66 -5.69 -8.93
C LYS A 193 -10.42 -4.95 -7.63
N GLU A 194 -9.21 -4.41 -7.47
CA GLU A 194 -8.85 -3.66 -6.28
C GLU A 194 -7.75 -2.67 -6.65
N LEU A 195 -7.65 -1.57 -5.90
CA LEU A 195 -6.75 -0.47 -6.28
C LEU A 195 -5.27 -0.79 -6.10
N GLY A 196 -4.92 -1.71 -5.20
CA GLY A 196 -3.52 -2.05 -4.97
C GLY A 196 -2.81 -1.03 -4.09
N TYR A 197 -1.56 -0.76 -4.42
CA TYR A 197 -0.71 0.13 -3.63
C TYR A 197 -1.22 1.59 -3.60
N LEU A 198 -1.63 2.07 -2.43
CA LEU A 198 -2.27 3.39 -2.36
C LEU A 198 -1.36 4.56 -1.98
N GLY A 199 -0.09 4.30 -1.71
CA GLY A 199 0.82 5.32 -1.24
C GLY A 199 0.87 6.62 -2.04
N ASP A 200 0.94 6.53 -3.36
CA ASP A 200 1.07 7.74 -4.17
C ASP A 200 -0.23 8.06 -4.90
N ALA A 201 -1.34 7.50 -4.42
CA ALA A 201 -2.62 7.53 -5.12
C ALA A 201 -3.50 8.71 -4.72
N ASN A 202 -4.33 9.13 -5.66
CA ASN A 202 -5.35 10.16 -5.44
C ASN A 202 -6.73 9.52 -5.63
N VAL A 203 -7.24 8.90 -4.58
CA VAL A 203 -8.44 8.09 -4.69
C VAL A 203 -9.69 8.89 -5.09
N LYS A 204 -9.82 10.10 -4.55
CA LYS A 204 -10.94 10.99 -4.85
C LYS A 204 -11.00 11.33 -6.36
N ALA A 205 -9.84 11.63 -6.94
CA ALA A 205 -9.76 12.00 -8.36
C ALA A 205 -9.82 10.79 -9.30
N TRP A 206 -9.55 9.60 -8.78
CA TRP A 206 -9.41 8.40 -9.63
C TRP A 206 -10.64 8.07 -10.51
N PRO A 207 -11.87 8.14 -9.95
CA PRO A 207 -12.99 7.79 -10.84
C PRO A 207 -13.14 8.66 -12.10
N ASP A 208 -12.92 9.97 -11.99
CA ASP A 208 -12.99 10.82 -13.16
C ASP A 208 -11.80 10.62 -14.09
N SER A 209 -10.61 10.39 -13.50
CA SER A 209 -9.45 10.10 -14.31
C SER A 209 -9.69 8.84 -15.15
N ALA A 210 -10.28 7.81 -14.55
CA ALA A 210 -10.60 6.59 -15.31
C ALA A 210 -11.71 6.84 -16.35
N ARG A 211 -12.68 7.68 -16.01
CA ARG A 211 -13.77 7.99 -16.93
C ARG A 211 -13.22 8.64 -18.20
N ARG A 212 -12.17 9.45 -18.08
CA ARG A 212 -11.51 10.01 -19.25
C ARG A 212 -10.96 9.00 -20.25
N LEU A 213 -10.85 7.73 -19.85
CA LEU A 213 -10.32 6.69 -20.73
C LEU A 213 -11.40 6.06 -21.59
N LYS A 214 -12.66 6.37 -21.31
CA LYS A 214 -13.76 5.76 -22.07
C LYS A 214 -13.79 6.28 -23.51
N LYS A 215 -13.20 7.45 -23.73
CA LYS A 215 -13.18 8.04 -25.06
C LYS A 215 -12.42 7.24 -26.10
N PHE A 216 -11.51 6.36 -25.67
CA PHE A 216 -10.64 5.66 -26.62
C PHE A 216 -11.39 4.55 -27.33
N ASP A 217 -11.35 4.57 -28.66
CA ASP A 217 -11.78 3.43 -29.44
C ASP A 217 -10.75 2.29 -29.27
N ALA A 218 -10.96 1.45 -28.27
CA ALA A 218 -9.97 0.42 -27.92
C ALA A 218 -10.56 -0.97 -27.91
N LYS A 219 -9.99 -1.90 -28.66
CA LYS A 219 -10.46 -3.28 -28.58
C LYS A 219 -9.70 -4.00 -27.45
N ILE A 220 -8.47 -3.58 -27.18
CA ILE A 220 -7.66 -4.14 -26.09
C ILE A 220 -7.15 -3.09 -25.10
N VAL A 221 -7.38 -3.35 -23.81
CA VAL A 221 -6.86 -2.49 -22.75
C VAL A 221 -5.85 -3.29 -21.89
N ILE A 222 -4.64 -2.77 -21.77
CA ILE A 222 -3.58 -3.46 -21.04
C ILE A 222 -3.26 -2.78 -19.71
N PRO A 223 -3.47 -3.50 -18.60
CA PRO A 223 -3.24 -2.99 -17.26
C PRO A 223 -1.77 -3.17 -16.86
N GLY A 224 -1.32 -2.51 -15.79
CA GLY A 224 0.05 -2.66 -15.36
C GLY A 224 0.38 -4.06 -14.84
N HIS A 225 -0.61 -4.72 -14.25
CA HIS A 225 -0.46 -6.04 -13.64
C HIS A 225 -1.65 -6.93 -13.96
N GLY A 226 -1.40 -8.20 -14.23
CA GLY A 226 -2.50 -9.14 -14.39
C GLY A 226 -2.96 -9.28 -15.81
N GLU A 227 -4.06 -10.02 -15.99
CA GLU A 227 -4.55 -10.31 -17.33
C GLU A 227 -5.15 -9.06 -17.99
N TRP A 228 -4.95 -8.92 -19.28
CA TRP A 228 -5.50 -7.81 -20.02
C TRP A 228 -6.90 -8.15 -20.52
N GLY A 229 -7.58 -7.18 -21.12
CA GLY A 229 -8.96 -7.36 -21.52
C GLY A 229 -9.41 -6.36 -22.55
N GLY A 230 -10.72 -6.13 -22.60
CA GLY A 230 -11.31 -5.21 -23.53
C GLY A 230 -11.73 -3.94 -22.83
N PRO A 231 -12.59 -3.14 -23.47
CA PRO A 231 -12.93 -1.82 -22.92
C PRO A 231 -13.59 -1.89 -21.54
N GLU A 232 -14.18 -3.03 -21.18
CA GLU A 232 -14.84 -3.19 -19.87
C GLU A 232 -13.89 -2.99 -18.67
N MET A 233 -12.58 -3.18 -18.89
CA MET A 233 -11.55 -2.91 -17.87
C MET A 233 -11.70 -1.50 -17.29
N VAL A 234 -12.05 -0.54 -18.15
CA VAL A 234 -12.27 0.84 -17.69
C VAL A 234 -13.50 0.95 -16.79
N ASN A 235 -14.60 0.31 -17.20
CA ASN A 235 -15.82 0.33 -16.39
C ASN A 235 -15.62 -0.25 -14.99
N LYS A 236 -14.98 -1.42 -14.93
CA LYS A 236 -14.69 -2.07 -13.65
C LYS A 236 -13.87 -1.17 -12.74
N THR A 237 -12.84 -0.55 -13.32
CA THR A 237 -11.97 0.36 -12.59
C THR A 237 -12.74 1.51 -11.97
N ILE A 238 -13.66 2.06 -12.76
CA ILE A 238 -14.46 3.18 -12.29
C ILE A 238 -15.27 2.74 -11.07
N LYS A 239 -15.82 1.54 -11.12
CA LYS A 239 -16.64 1.06 -10.02
C LYS A 239 -15.80 0.78 -8.76
N VAL A 240 -14.65 0.14 -8.95
CA VAL A 240 -13.74 -0.12 -7.83
C VAL A 240 -13.30 1.18 -7.17
N ALA A 241 -12.97 2.17 -8.01
CA ALA A 241 -12.54 3.47 -7.50
C ALA A 241 -13.65 4.20 -6.73
N GLU A 242 -14.87 4.14 -7.25
CA GLU A 242 -16.01 4.75 -6.55
C GLU A 242 -16.29 4.09 -5.19
N LYS A 243 -16.21 2.76 -5.15
CA LYS A 243 -16.38 2.02 -3.90
C LYS A 243 -15.40 2.50 -2.82
N ALA A 244 -14.13 2.68 -3.19
CA ALA A 244 -13.14 3.15 -2.24
C ALA A 244 -13.47 4.56 -1.74
N VAL A 245 -13.82 5.47 -2.65
CA VAL A 245 -14.21 6.83 -2.26
C VAL A 245 -15.37 6.77 -1.24
N GLY A 246 -16.34 5.91 -1.51
CA GLY A 246 -17.47 5.75 -0.61
C GLY A 246 -17.06 5.30 0.77
N GLU A 247 -16.28 4.21 0.84
CA GLU A 247 -15.90 3.60 2.12
C GLU A 247 -15.09 4.54 2.98
N MET A 248 -14.29 5.39 2.35
CA MET A 248 -13.43 6.30 3.11
C MET A 248 -14.12 7.64 3.29
N ARG A 249 -15.33 7.76 2.75
CA ARG A 249 -16.11 8.99 2.86
C ARG A 249 -15.36 10.12 2.14
N ASP B 6 10.99 1.30 33.92
CA ASP B 6 10.58 0.07 34.60
C ASP B 6 9.50 -0.63 33.80
N HIS B 7 9.80 -1.82 33.31
CA HIS B 7 8.83 -2.62 32.60
C HIS B 7 9.00 -4.08 33.00
N VAL B 8 7.96 -4.87 32.80
CA VAL B 8 8.00 -6.31 33.04
C VAL B 8 8.19 -7.06 31.71
N ASP B 9 9.07 -8.06 31.72
CA ASP B 9 9.31 -8.90 30.54
C ASP B 9 8.33 -10.07 30.52
N LEU B 10 7.69 -10.30 29.38
CA LEU B 10 6.77 -11.41 29.21
C LEU B 10 7.33 -12.38 28.17
N PRO B 11 6.77 -13.59 28.10
CA PRO B 11 7.16 -14.52 27.03
C PRO B 11 7.01 -13.90 25.65
N TYR B 12 7.77 -14.42 24.68
CA TYR B 12 7.68 -13.96 23.30
C TYR B 12 7.99 -12.48 23.11
N ASN B 13 8.85 -11.98 24.00
CA ASN B 13 9.43 -10.65 23.83
C ASN B 13 8.34 -9.56 23.88
N LEU B 14 7.29 -9.83 24.65
CA LEU B 14 6.37 -8.77 25.03
C LEU B 14 6.89 -8.11 26.29
N THR B 15 6.61 -6.82 26.44
CA THR B 15 6.91 -6.08 27.67
C THR B 15 5.68 -5.30 28.10
N ALA B 16 5.44 -5.18 29.41
CA ALA B 16 4.34 -4.36 29.93
C ALA B 16 4.90 -3.20 30.76
N THR B 17 4.47 -1.99 30.42
CA THR B 17 4.88 -0.77 31.08
C THR B 17 3.66 -0.08 31.67
N LYS B 18 3.73 0.29 32.94
CA LYS B 18 2.69 1.08 33.58
C LYS B 18 2.87 2.53 33.18
N ILE B 19 1.87 3.13 32.56
CA ILE B 19 2.03 4.53 32.19
C ILE B 19 1.12 5.42 33.03
N ASP B 20 0.40 4.81 33.95
CA ASP B 20 -0.53 5.52 34.81
C ASP B 20 -1.20 4.52 35.73
N SER B 21 -2.00 5.02 36.66
CA SER B 21 -2.81 4.15 37.51
C SER B 21 -3.84 3.45 36.62
N ASP B 22 -3.87 2.13 36.67
CA ASP B 22 -4.82 1.32 35.89
C ASP B 22 -4.62 1.43 34.38
N VAL B 23 -3.46 1.92 33.96
CA VAL B 23 -3.17 2.04 32.54
C VAL B 23 -1.80 1.50 32.18
N PHE B 24 -1.78 0.51 31.28
CA PHE B 24 -0.55 -0.12 30.83
C PHE B 24 -0.43 -0.09 29.32
N VAL B 25 0.82 -0.03 28.85
CA VAL B 25 1.11 -0.29 27.45
C VAL B 25 1.89 -1.60 27.37
N VAL B 26 1.34 -2.55 26.62
CA VAL B 26 1.99 -3.83 26.36
C VAL B 26 2.51 -3.79 24.95
N THR B 27 3.79 -4.09 24.79
CA THR B 27 4.47 -3.94 23.51
C THR B 27 5.02 -5.26 22.98
N ASP B 28 4.70 -5.56 21.73
CA ASP B 28 5.19 -6.75 21.04
C ASP B 28 6.47 -6.43 20.30
N ARG B 29 7.60 -6.72 20.93
CA ARG B 29 8.87 -6.31 20.36
C ARG B 29 9.42 -7.30 19.33
N ASP B 30 8.79 -8.45 19.16
CA ASP B 30 9.13 -9.31 18.01
C ASP B 30 8.52 -8.74 16.73
N PHE B 31 7.33 -8.15 16.83
CA PHE B 31 6.66 -7.66 15.64
C PHE B 31 6.58 -6.13 15.64
N TYR B 32 7.68 -5.49 15.27
CA TYR B 32 7.72 -4.05 14.99
C TYR B 32 7.36 -3.16 16.18
N SER B 33 7.50 -3.68 17.40
CA SER B 33 7.28 -2.89 18.60
C SER B 33 5.86 -2.37 18.65
N SER B 34 4.90 -3.25 18.36
CA SER B 34 3.50 -2.83 18.29
C SER B 34 2.93 -2.61 19.67
N ASN B 35 2.26 -1.47 19.87
CA ASN B 35 1.70 -1.14 21.18
C ASN B 35 0.23 -1.54 21.34
N VAL B 36 -0.06 -2.08 22.51
CA VAL B 36 -1.40 -2.47 22.87
C VAL B 36 -1.73 -1.77 24.17
N LEU B 37 -2.84 -1.04 24.21
CA LEU B 37 -3.22 -0.34 25.44
C LEU B 37 -4.17 -1.23 26.28
N VAL B 38 -3.88 -1.31 27.58
CA VAL B 38 -4.71 -2.06 28.52
C VAL B 38 -5.12 -1.12 29.65
N ALA B 39 -6.42 -0.90 29.81
CA ALA B 39 -6.95 0.05 30.77
C ALA B 39 -8.05 -0.59 31.63
N LYS B 40 -7.84 -0.56 32.94
CA LYS B 40 -8.81 -1.10 33.87
C LYS B 40 -9.77 0.01 34.30
N MET B 41 -11.06 -0.16 33.99
CA MET B 41 -12.09 0.81 34.39
C MET B 41 -12.35 0.67 35.89
N LEU B 42 -12.86 1.73 36.51
CA LEU B 42 -13.16 1.68 37.94
C LEU B 42 -14.12 0.56 38.33
N ASP B 43 -15.04 0.18 37.44
CA ASP B 43 -16.00 -0.85 37.79
C ASP B 43 -15.43 -2.24 37.51
N GLY B 44 -14.13 -2.31 37.22
CA GLY B 44 -13.50 -3.59 37.04
C GLY B 44 -13.40 -4.08 35.60
N THR B 45 -14.11 -3.46 34.67
CA THR B 45 -13.98 -3.85 33.26
C THR B 45 -12.57 -3.50 32.76
N VAL B 46 -12.02 -4.37 31.91
CA VAL B 46 -10.72 -4.12 31.32
C VAL B 46 -10.90 -3.86 29.82
N VAL B 47 -10.34 -2.76 29.35
CA VAL B 47 -10.46 -2.35 27.94
C VAL B 47 -9.13 -2.50 27.22
N ILE B 48 -9.16 -3.17 26.07
CA ILE B 48 -7.92 -3.41 25.34
C ILE B 48 -8.00 -2.77 23.98
N VAL B 49 -7.00 -1.98 23.63
CA VAL B 49 -7.02 -1.33 22.34
C VAL B 49 -5.90 -1.88 21.47
N SER B 50 -6.25 -2.33 20.26
CA SER B 50 -5.36 -2.98 19.30
C SER B 50 -4.99 -4.38 19.75
N SER B 51 -3.93 -4.94 19.18
CA SER B 51 -3.57 -6.33 19.46
C SER B 51 -2.15 -6.63 19.03
N PRO B 52 -1.57 -7.69 19.59
CA PRO B 52 -0.37 -8.26 18.97
C PRO B 52 -0.68 -8.86 17.61
N PHE B 53 0.36 -9.19 16.85
CA PHE B 53 0.18 -9.71 15.50
C PHE B 53 -0.52 -11.08 15.43
N GLU B 54 -0.31 -11.95 16.41
CA GLU B 54 -0.79 -13.32 16.28
C GLU B 54 -1.07 -14.00 17.62
N ASN B 55 -1.36 -15.29 17.55
CA ASN B 55 -1.92 -16.01 18.68
C ASN B 55 -0.98 -16.18 19.88
N LEU B 56 0.30 -16.36 19.63
CA LEU B 56 1.20 -16.55 20.76
C LEU B 56 1.34 -15.23 21.55
N GLY B 57 1.48 -14.12 20.85
CA GLY B 57 1.55 -12.82 21.50
C GLY B 57 0.27 -12.48 22.27
N THR B 58 -0.87 -12.68 21.62
CA THR B 58 -2.17 -12.39 22.26
C THR B 58 -2.44 -13.28 23.46
N GLN B 59 -2.11 -14.56 23.37
CA GLN B 59 -2.29 -15.46 24.52
C GLN B 59 -1.41 -14.98 25.68
N THR B 60 -0.17 -14.58 25.38
CA THR B 60 0.71 -14.02 26.39
C THR B 60 0.10 -12.76 27.04
N LEU B 61 -0.42 -11.87 26.19
CA LEU B 61 -1.10 -10.68 26.66
C LEU B 61 -2.27 -11.04 27.60
N MET B 62 -3.15 -11.94 27.16
CA MET B 62 -4.31 -12.32 27.99
C MET B 62 -3.94 -13.05 29.29
N ASP B 63 -2.91 -13.90 29.25
CA ASP B 63 -2.41 -14.53 30.46
C ASP B 63 -2.03 -13.48 31.49
N TRP B 64 -1.28 -12.48 31.03
CA TRP B 64 -0.82 -11.41 31.90
C TRP B 64 -1.99 -10.57 32.40
N VAL B 65 -2.99 -10.34 31.55
CA VAL B 65 -4.17 -9.57 31.94
C VAL B 65 -4.97 -10.30 33.03
N ALA B 66 -5.21 -11.59 32.82
CA ALA B 66 -5.95 -12.43 33.76
C ALA B 66 -5.26 -12.47 35.14
N LYS B 67 -3.95 -12.64 35.14
CA LYS B 67 -3.20 -12.73 36.37
C LYS B 67 -3.17 -11.42 37.15
N THR B 68 -2.82 -10.32 36.47
CA THR B 68 -2.52 -9.07 37.17
C THR B 68 -3.74 -8.18 37.39
N MET B 69 -4.83 -8.43 36.65
CA MET B 69 -6.00 -7.57 36.76
C MET B 69 -7.31 -8.31 37.11
N LYS B 70 -7.34 -9.62 36.85
CA LYS B 70 -8.49 -10.47 37.17
C LYS B 70 -9.84 -9.82 36.84
N PRO B 71 -10.11 -9.57 35.56
CA PRO B 71 -11.38 -8.94 35.17
C PRO B 71 -12.52 -9.93 35.02
N LYS B 72 -13.74 -9.46 35.27
CA LYS B 72 -14.93 -10.27 34.98
C LYS B 72 -15.34 -10.02 33.53
N LYS B 73 -14.99 -8.84 33.02
CA LYS B 73 -15.34 -8.47 31.65
C LYS B 73 -14.16 -7.83 30.91
N VAL B 74 -13.98 -8.25 29.66
CA VAL B 74 -12.96 -7.64 28.81
C VAL B 74 -13.61 -7.22 27.51
N VAL B 75 -13.39 -5.98 27.12
CA VAL B 75 -13.84 -5.44 25.85
C VAL B 75 -12.60 -5.07 25.02
N ALA B 76 -12.54 -5.56 23.79
CA ALA B 76 -11.37 -5.34 22.96
C ALA B 76 -11.75 -4.55 21.72
N ILE B 77 -11.00 -3.49 21.43
CA ILE B 77 -11.34 -2.60 20.32
C ILE B 77 -10.28 -2.60 19.20
N ASN B 78 -10.63 -3.11 18.03
CA ASN B 78 -9.72 -3.12 16.89
C ASN B 78 -9.56 -1.71 16.31
N THR B 79 -8.34 -1.25 16.10
CA THR B 79 -8.12 0.11 15.56
C THR B 79 -8.02 0.22 14.03
N HIS B 80 -7.63 -0.86 13.35
CA HIS B 80 -7.69 -0.94 11.87
C HIS B 80 -7.51 -2.39 11.47
N PHE B 81 -7.54 -2.70 10.18
CA PHE B 81 -7.67 -4.12 9.81
C PHE B 81 -6.34 -4.88 9.82
N HIS B 82 -5.22 -4.18 9.88
CA HIS B 82 -3.90 -4.84 9.90
C HIS B 82 -3.78 -5.75 11.12
N LEU B 83 -2.76 -6.61 11.12
CA LEU B 83 -2.67 -7.62 12.17
C LEU B 83 -2.46 -7.00 13.55
N ASP B 84 -1.72 -5.90 13.63
CA ASP B 84 -1.73 -5.12 14.86
C ASP B 84 -3.01 -4.31 14.86
N GLY B 85 -4.08 -4.98 15.28
CA GLY B 85 -5.44 -4.46 15.19
C GLY B 85 -6.44 -5.62 15.23
N THR B 86 -6.30 -6.57 14.30
CA THR B 86 -7.24 -7.71 14.26
C THR B 86 -6.60 -9.06 14.59
N GLY B 87 -5.27 -9.06 14.73
CA GLY B 87 -4.49 -10.27 14.96
C GLY B 87 -4.81 -10.96 16.28
N GLY B 88 -5.39 -10.22 17.22
CA GLY B 88 -5.75 -10.78 18.50
C GLY B 88 -7.17 -11.33 18.61
N ASN B 89 -7.97 -11.19 17.55
CA ASN B 89 -9.39 -11.52 17.66
C ASN B 89 -9.65 -13.01 17.99
N GLU B 90 -8.92 -13.93 17.35
CA GLU B 90 -9.07 -15.34 17.68
C GLU B 90 -8.92 -15.62 19.17
N ILE B 91 -7.84 -15.13 19.75
CA ILE B 91 -7.55 -15.48 21.13
C ILE B 91 -8.43 -14.68 22.09
N TYR B 92 -8.70 -13.42 21.75
CA TYR B 92 -9.64 -12.61 22.53
C TYR B 92 -10.97 -13.34 22.66
N LYS B 93 -11.51 -13.82 21.54
CA LYS B 93 -12.79 -14.51 21.54
C LYS B 93 -12.71 -15.82 22.35
N LYS B 94 -11.67 -16.61 22.14
CA LYS B 94 -11.46 -17.84 22.91
C LYS B 94 -11.39 -17.61 24.42
N MET B 95 -10.85 -16.48 24.86
CA MET B 95 -10.70 -16.22 26.28
C MET B 95 -11.97 -15.56 26.86
N GLY B 96 -12.93 -15.27 25.99
CA GLY B 96 -14.21 -14.74 26.43
C GLY B 96 -14.36 -13.23 26.36
N ALA B 97 -13.35 -12.55 25.81
CA ALA B 97 -13.46 -11.10 25.67
C ALA B 97 -14.46 -10.78 24.57
N GLU B 98 -14.98 -9.56 24.61
CA GLU B 98 -15.95 -9.05 23.62
C GLU B 98 -15.24 -8.15 22.59
N THR B 99 -15.21 -8.58 21.32
CA THR B 99 -14.42 -7.85 20.33
C THR B 99 -15.24 -6.92 19.46
N TRP B 100 -14.72 -5.70 19.28
CA TRP B 100 -15.39 -4.65 18.53
C TRP B 100 -14.47 -4.05 17.47
N SER B 101 -15.07 -3.66 16.35
CA SER B 101 -14.39 -2.88 15.32
C SER B 101 -15.43 -2.17 14.50
N SER B 102 -15.00 -1.26 13.63
CA SER B 102 -15.90 -0.66 12.65
C SER B 102 -16.30 -1.70 11.62
N ASP B 103 -17.39 -1.43 10.91
CA ASP B 103 -17.86 -2.30 9.83
C ASP B 103 -16.82 -2.39 8.72
N LEU B 104 -16.22 -1.24 8.38
CA LEU B 104 -15.21 -1.18 7.34
C LEU B 104 -14.00 -2.05 7.69
N THR B 105 -13.55 -1.94 8.94
CA THR B 105 -12.44 -2.76 9.41
C THR B 105 -12.78 -4.23 9.27
N LYS B 106 -14.01 -4.60 9.64
CA LYS B 106 -14.40 -6.01 9.51
C LYS B 106 -14.33 -6.42 8.04
N GLN B 107 -14.86 -5.56 7.17
CA GLN B 107 -14.90 -5.81 5.73
C GLN B 107 -13.49 -5.99 5.12
N LEU B 108 -12.55 -5.10 5.46
CA LEU B 108 -11.18 -5.17 4.88
C LEU B 108 -10.43 -6.39 5.39
N ARG B 109 -10.70 -6.78 6.63
CA ARG B 109 -10.09 -7.99 7.17
C ARG B 109 -10.56 -9.24 6.42
N LEU B 110 -11.86 -9.32 6.13
CA LEU B 110 -12.40 -10.46 5.39
C LEU B 110 -11.86 -10.49 3.94
N GLU B 111 -11.74 -9.32 3.32
CA GLU B 111 -11.19 -9.22 1.97
C GLU B 111 -9.72 -9.66 1.96
N GLU B 112 -8.95 -9.15 2.93
CA GLU B 112 -7.55 -9.48 3.05
C GLU B 112 -7.36 -10.97 3.26
N ASN B 113 -8.29 -11.59 4.00
CA ASN B 113 -8.21 -13.03 4.23
C ASN B 113 -8.38 -13.86 2.96
N LYS B 114 -9.04 -13.28 1.95
CA LYS B 114 -9.19 -13.97 0.67
C LYS B 114 -7.87 -14.05 -0.08
N LYS B 115 -6.99 -13.08 0.15
CA LYS B 115 -5.75 -13.01 -0.63
C LYS B 115 -4.92 -14.25 -0.41
N ASP B 116 -4.09 -14.57 -1.40
CA ASP B 116 -3.28 -15.77 -1.35
C ASP B 116 -2.15 -15.57 -0.36
N ARG B 117 -2.37 -16.01 0.85
CA ARG B 117 -1.42 -15.78 1.93
C ARG B 117 -0.13 -16.51 1.61
N ILE B 118 -0.35 -17.75 1.21
CA ILE B 118 0.70 -18.73 0.99
C ILE B 118 1.59 -18.40 -0.22
N LYS B 119 0.99 -17.86 -1.28
CA LYS B 119 1.76 -17.50 -2.47
C LYS B 119 2.63 -16.25 -2.25
N ALA B 120 2.14 -15.32 -1.43
CA ALA B 120 2.89 -14.09 -1.17
C ALA B 120 4.16 -14.37 -0.39
N ALA B 121 4.03 -15.13 0.70
CA ALA B 121 5.16 -15.43 1.57
C ALA B 121 6.04 -16.60 1.09
N GLU B 122 5.82 -17.05 -0.16
CA GLU B 122 6.49 -18.24 -0.71
C GLU B 122 8.02 -18.28 -0.59
N PHE B 123 8.67 -17.20 -1.00
CA PHE B 123 10.12 -17.13 -0.97
C PHE B 123 10.66 -16.22 0.15
N TYR B 124 9.99 -16.21 1.31
CA TYR B 124 10.50 -15.44 2.44
C TYR B 124 11.42 -16.35 3.25
N LYS B 125 12.28 -15.74 4.06
CA LYS B 125 13.11 -16.51 4.99
C LYS B 125 12.23 -17.47 5.77
N ASN B 126 12.59 -18.76 5.79
CA ASN B 126 11.86 -19.69 6.64
C ASN B 126 12.34 -19.57 8.07
N GLU B 127 11.66 -18.71 8.83
CA GLU B 127 12.05 -18.41 10.19
C GLU B 127 10.86 -18.54 11.14
N ASP B 128 11.10 -18.25 12.40
CA ASP B 128 10.07 -18.37 13.42
C ASP B 128 8.93 -17.37 13.26
N LEU B 129 9.20 -16.14 12.87
CA LEU B 129 8.11 -15.17 12.74
C LEU B 129 7.18 -15.54 11.58
N LYS B 130 7.74 -16.04 10.49
CA LYS B 130 6.94 -16.47 9.36
C LYS B 130 6.04 -17.65 9.76
N ARG B 131 6.56 -18.59 10.53
CA ARG B 131 5.76 -19.72 10.99
C ARG B 131 4.64 -19.29 11.92
N ARG B 132 4.95 -18.36 12.81
CA ARG B 132 3.96 -17.88 13.78
C ARG B 132 2.81 -17.20 13.05
N ILE B 133 3.13 -16.38 12.06
CA ILE B 133 2.10 -15.72 11.26
C ILE B 133 1.20 -16.75 10.56
N LEU B 134 1.80 -17.77 9.93
CA LEU B 134 1.01 -18.77 9.21
C LEU B 134 0.31 -19.79 10.12
N SER B 135 0.73 -19.91 11.36
CA SER B 135 0.08 -20.80 12.31
C SER B 135 -1.16 -20.16 12.93
N SER B 136 -1.41 -18.91 12.55
CA SER B 136 -2.57 -18.18 13.04
C SER B 136 -3.49 -17.87 11.88
N HIS B 137 -4.76 -17.67 12.18
CA HIS B 137 -5.78 -17.46 11.18
C HIS B 137 -6.67 -16.33 11.65
N PRO B 138 -6.34 -15.10 11.24
CA PRO B 138 -6.99 -13.87 11.72
C PRO B 138 -8.49 -13.83 11.37
N VAL B 139 -9.32 -13.38 12.32
CA VAL B 139 -10.75 -13.17 12.08
C VAL B 139 -11.18 -11.72 12.38
N PRO B 140 -12.32 -11.27 11.81
CA PRO B 140 -12.82 -9.94 12.18
C PRO B 140 -13.41 -9.90 13.59
N ALA B 141 -13.72 -8.73 14.10
CA ALA B 141 -14.38 -8.63 15.41
C ALA B 141 -15.78 -9.26 15.39
N ASP B 142 -16.26 -9.73 16.55
CA ASP B 142 -17.62 -10.27 16.69
C ASP B 142 -18.71 -9.20 16.65
N ASN B 143 -18.38 -7.98 17.07
CA ASN B 143 -19.35 -6.89 17.14
C ASN B 143 -18.85 -5.73 16.33
N VAL B 144 -19.76 -5.07 15.63
CA VAL B 144 -19.39 -4.04 14.70
C VAL B 144 -20.20 -2.76 14.93
N PHE B 145 -19.58 -1.61 14.65
CA PHE B 145 -20.28 -0.33 14.67
C PHE B 145 -20.01 0.35 13.34
N ASP B 146 -20.86 1.32 13.02
CA ASP B 146 -20.71 2.07 11.79
C ASP B 146 -19.59 3.08 11.87
N LEU B 147 -18.68 3.03 10.89
CA LEU B 147 -17.47 3.85 10.89
C LEU B 147 -17.70 5.34 11.16
N LYS B 148 -18.63 5.97 10.44
CA LYS B 148 -18.83 7.42 10.63
C LYS B 148 -19.47 7.77 11.96
N GLN B 149 -20.26 6.86 12.53
CA GLN B 149 -20.88 7.17 13.83
C GLN B 149 -19.89 6.90 14.97
N GLY B 150 -18.98 5.97 14.78
CA GLY B 150 -18.07 5.59 15.84
C GLY B 150 -18.89 4.89 16.90
N LYS B 151 -18.38 4.86 18.13
CA LYS B 151 -19.09 4.23 19.21
C LYS B 151 -18.52 4.75 20.52
N VAL B 152 -19.37 4.98 21.50
CA VAL B 152 -18.87 5.31 22.83
C VAL B 152 -19.30 4.24 23.83
N PHE B 153 -18.32 3.71 24.55
CA PHE B 153 -18.63 2.71 25.57
C PHE B 153 -18.82 3.43 26.90
N SER B 154 -19.67 2.86 27.75
CA SER B 154 -19.90 3.41 29.07
C SER B 154 -19.82 2.30 30.11
N PHE B 155 -18.85 2.40 30.99
CA PHE B 155 -18.66 1.39 32.02
C PHE B 155 -18.91 2.05 33.37
N SER B 156 -20.15 1.93 33.86
CA SER B 156 -20.61 2.66 35.03
C SER B 156 -20.31 4.13 34.84
N ASN B 157 -20.75 4.66 33.70
CA ASN B 157 -20.61 6.08 33.33
C ASN B 157 -19.18 6.58 33.08
N GLU B 158 -18.20 5.68 33.11
CA GLU B 158 -16.84 5.97 32.66
C GLU B 158 -16.77 5.73 31.14
N LEU B 159 -16.47 6.76 30.36
CA LEU B 159 -16.62 6.69 28.91
C LEU B 159 -15.34 6.34 28.14
N VAL B 160 -15.51 5.56 27.07
CA VAL B 160 -14.42 5.23 26.13
C VAL B 160 -14.90 5.56 24.72
N GLU B 161 -14.25 6.52 24.07
CA GLU B 161 -14.76 7.08 22.83
C GLU B 161 -13.95 6.60 21.63
N VAL B 162 -14.63 5.98 20.68
CA VAL B 162 -14.01 5.51 19.47
C VAL B 162 -14.53 6.31 18.30
N SER B 163 -13.63 6.99 17.60
CA SER B 163 -14.06 7.77 16.46
C SER B 163 -13.09 7.71 15.28
N PHE B 164 -13.61 8.09 14.12
CA PHE B 164 -12.91 8.06 12.84
C PHE B 164 -12.55 9.46 12.42
N PRO B 165 -11.25 9.79 12.42
CA PRO B 165 -10.83 11.14 12.05
C PRO B 165 -10.59 11.31 10.55
N GLY B 166 -10.89 10.29 9.75
CA GLY B 166 -10.53 10.28 8.34
C GLY B 166 -9.39 9.32 8.00
N PRO B 167 -9.25 8.98 6.71
CA PRO B 167 -8.24 8.01 6.32
C PRO B 167 -6.84 8.58 6.51
N ALA B 168 -5.87 7.72 6.76
CA ALA B 168 -4.52 8.19 6.95
C ALA B 168 -3.56 7.03 6.72
N HIS B 169 -3.11 6.41 7.82
CA HIS B 169 -2.29 5.22 7.72
C HIS B 169 -3.03 4.12 6.99
N SER B 170 -4.34 4.04 7.26
CA SER B 170 -5.20 3.09 6.58
C SER B 170 -6.57 3.74 6.34
N PRO B 171 -7.40 3.15 5.45
CA PRO B 171 -8.69 3.77 5.13
C PRO B 171 -9.66 3.74 6.29
N ASP B 172 -9.37 2.89 7.27
CA ASP B 172 -10.30 2.62 8.35
C ASP B 172 -9.78 2.98 9.74
N ASN B 173 -8.67 3.71 9.85
CA ASN B 173 -8.06 3.88 11.17
C ASN B 173 -8.90 4.75 12.12
N VAL B 174 -9.15 4.21 13.32
CA VAL B 174 -9.89 4.94 14.33
C VAL B 174 -9.03 5.15 15.56
N VAL B 175 -9.37 6.14 16.36
CA VAL B 175 -8.65 6.42 17.58
C VAL B 175 -9.57 6.17 18.78
N VAL B 176 -8.98 5.99 19.95
CA VAL B 176 -9.74 5.71 21.15
C VAL B 176 -9.33 6.72 22.23
N TYR B 177 -10.32 7.43 22.75
CA TYR B 177 -10.06 8.51 23.70
C TYR B 177 -10.68 8.24 25.06
N PHE B 178 -9.92 8.52 26.11
CA PHE B 178 -10.36 8.29 27.48
C PHE B 178 -10.47 9.66 28.17
N PRO B 179 -11.67 10.27 28.14
CA PRO B 179 -11.80 11.67 28.58
C PRO B 179 -11.37 11.84 30.03
N LYS B 180 -11.74 10.88 30.87
CA LYS B 180 -11.38 10.94 32.29
C LYS B 180 -9.87 11.08 32.49
N LYS B 181 -9.06 10.41 31.67
CA LYS B 181 -7.61 10.50 31.83
C LYS B 181 -6.87 11.37 30.80
N LYS B 182 -7.62 12.03 29.92
CA LYS B 182 -7.02 12.85 28.85
C LYS B 182 -6.03 12.03 28.02
N LEU B 183 -6.41 10.80 27.72
CA LEU B 183 -5.52 9.84 27.08
C LEU B 183 -6.03 9.43 25.69
N LEU B 184 -5.20 9.63 24.69
CA LEU B 184 -5.54 9.28 23.32
C LEU B 184 -4.66 8.16 22.77
N PHE B 185 -5.28 7.05 22.37
CA PHE B 185 -4.60 6.02 21.60
C PHE B 185 -4.81 6.36 20.12
N GLY B 186 -3.78 6.85 19.46
CA GLY B 186 -3.89 7.30 18.09
C GLY B 186 -3.52 6.22 17.11
N GLY B 187 -2.85 5.18 17.59
CA GLY B 187 -2.52 4.05 16.73
C GLY B 187 -1.55 4.43 15.63
N CYS B 188 -1.69 3.81 14.47
CA CYS B 188 -0.61 3.89 13.48
C CYS B 188 -0.72 5.08 12.56
N MET B 189 -1.63 6.00 12.84
CA MET B 189 -1.65 7.28 12.12
C MET B 189 -0.84 8.31 12.88
N ILE B 190 -0.39 7.95 14.08
CA ILE B 190 0.57 8.76 14.82
C ILE B 190 2.00 8.37 14.41
N LYS B 191 2.65 9.27 13.67
CA LYS B 191 3.94 9.00 13.05
C LYS B 191 4.82 10.23 13.14
N PRO B 192 5.47 10.44 14.29
CA PRO B 192 6.17 11.71 14.55
C PRO B 192 7.51 11.89 13.81
N LYS B 193 8.06 10.83 13.22
CA LYS B 193 9.35 10.92 12.52
C LYS B 193 9.24 10.55 11.04
N GLU B 194 8.57 9.43 10.75
CA GLU B 194 8.38 8.98 9.38
C GLU B 194 7.09 8.14 9.25
N LEU B 195 6.48 8.15 8.07
CA LEU B 195 5.15 7.57 7.89
C LEU B 195 5.09 6.03 7.89
N GLY B 196 6.18 5.38 7.52
CA GLY B 196 6.22 3.92 7.47
C GLY B 196 5.54 3.33 6.25
N TYR B 197 4.89 2.18 6.43
CA TYR B 197 4.26 1.43 5.33
C TYR B 197 3.11 2.19 4.66
N LEU B 198 3.27 2.49 3.37
CA LEU B 198 2.30 3.32 2.65
C LEU B 198 1.30 2.50 1.80
N GLY B 199 1.39 1.17 1.84
CA GLY B 199 0.55 0.30 1.02
C GLY B 199 -0.96 0.59 1.08
N ASP B 200 -1.48 0.80 2.28
CA ASP B 200 -2.92 1.09 2.43
C ASP B 200 -3.15 2.55 2.83
N ALA B 201 -2.16 3.41 2.60
CA ALA B 201 -2.18 4.75 3.18
C ALA B 201 -2.80 5.78 2.28
N ASN B 202 -3.39 6.80 2.88
CA ASN B 202 -3.90 7.93 2.13
C ASN B 202 -3.10 9.16 2.54
N VAL B 203 -1.91 9.31 1.96
CA VAL B 203 -0.98 10.35 2.40
C VAL B 203 -1.56 11.75 2.14
N LYS B 204 -2.30 11.88 1.06
CA LYS B 204 -2.92 13.15 0.72
C LYS B 204 -3.86 13.62 1.83
N ALA B 205 -4.68 12.72 2.35
CA ALA B 205 -5.66 13.05 3.39
C ALA B 205 -5.08 13.11 4.80
N TRP B 206 -3.91 12.52 5.00
CA TRP B 206 -3.34 12.33 6.34
C TRP B 206 -3.19 13.65 7.13
N PRO B 207 -2.66 14.72 6.49
CA PRO B 207 -2.51 15.93 7.34
C PRO B 207 -3.83 16.46 7.90
N ASP B 208 -4.91 16.38 7.13
CA ASP B 208 -6.20 16.83 7.63
C ASP B 208 -6.75 15.85 8.64
N SER B 209 -6.54 14.56 8.40
CA SER B 209 -6.99 13.56 9.35
C SER B 209 -6.29 13.72 10.70
N ALA B 210 -5.00 14.02 10.68
CA ALA B 210 -4.23 14.20 11.91
C ALA B 210 -4.60 15.50 12.63
N ARG B 211 -4.89 16.55 11.87
CA ARG B 211 -5.30 17.84 12.44
C ARG B 211 -6.60 17.70 13.21
N ARG B 212 -7.51 16.86 12.73
CA ARG B 212 -8.72 16.61 13.50
C ARG B 212 -8.43 16.03 14.91
N LEU B 213 -7.21 15.53 15.13
CA LEU B 213 -6.87 14.96 16.44
C LEU B 213 -6.46 16.01 17.44
N LYS B 214 -6.30 17.25 16.97
CA LYS B 214 -5.92 18.32 17.88
C LYS B 214 -7.09 18.75 18.79
N LYS B 215 -8.33 18.44 18.41
CA LYS B 215 -9.50 18.79 19.19
C LYS B 215 -9.50 18.11 20.56
N PHE B 216 -8.73 17.03 20.69
CA PHE B 216 -8.68 16.29 21.93
C PHE B 216 -7.77 17.02 22.89
N ASP B 217 -8.28 17.32 24.07
CA ASP B 217 -7.38 17.68 25.15
C ASP B 217 -6.66 16.42 25.56
N ALA B 218 -5.45 16.22 25.05
CA ALA B 218 -4.77 14.99 25.35
C ALA B 218 -3.45 15.26 26.01
N LYS B 219 -3.27 14.77 27.22
CA LYS B 219 -1.98 14.90 27.86
C LYS B 219 -1.12 13.71 27.45
N ILE B 220 -1.75 12.56 27.16
CA ILE B 220 -0.98 11.41 26.70
C ILE B 220 -1.45 10.90 25.34
N VAL B 221 -0.48 10.80 24.42
CA VAL B 221 -0.75 10.25 23.10
C VAL B 221 0.11 9.00 22.85
N ILE B 222 -0.59 7.91 22.55
CA ILE B 222 0.02 6.60 22.35
C ILE B 222 -0.03 6.19 20.88
N PRO B 223 1.15 6.01 20.28
CA PRO B 223 1.24 5.61 18.87
C PRO B 223 1.17 4.09 18.73
N GLY B 224 0.94 3.61 17.51
CA GLY B 224 0.87 2.19 17.24
C GLY B 224 2.21 1.50 17.42
N HIS B 225 3.30 2.22 17.17
CA HIS B 225 4.66 1.71 17.30
C HIS B 225 5.56 2.77 17.94
N GLY B 226 6.44 2.35 18.85
CA GLY B 226 7.39 3.25 19.44
C GLY B 226 6.95 3.91 20.75
N GLU B 227 7.77 4.82 21.23
CA GLU B 227 7.53 5.43 22.52
C GLU B 227 6.33 6.38 22.45
N TRP B 228 5.57 6.45 23.55
CA TRP B 228 4.46 7.38 23.68
CA TRP B 228 4.47 7.39 23.66
C TRP B 228 4.96 8.75 24.11
N GLY B 229 4.08 9.75 24.06
CA GLY B 229 4.44 11.10 24.45
C GLY B 229 3.22 11.95 24.72
N GLY B 230 3.37 13.27 24.59
CA GLY B 230 2.27 14.19 24.85
C GLY B 230 1.61 14.70 23.57
N PRO B 231 0.85 15.80 23.65
CA PRO B 231 0.06 16.25 22.50
C PRO B 231 0.91 16.61 21.29
N GLU B 232 2.18 16.90 21.51
CA GLU B 232 3.07 17.27 20.42
C GLU B 232 3.20 16.16 19.37
N MET B 233 2.97 14.91 19.77
CA MET B 233 3.00 13.79 18.82
C MET B 233 2.12 14.07 17.60
N VAL B 234 0.97 14.69 17.84
CA VAL B 234 0.05 15.02 16.77
C VAL B 234 0.67 16.05 15.86
N ASN B 235 1.26 17.08 16.46
CA ASN B 235 1.92 18.16 15.72
C ASN B 235 3.07 17.69 14.84
N LYS B 236 3.95 16.86 15.41
CA LYS B 236 5.03 16.27 14.63
C LYS B 236 4.47 15.43 13.45
N THR B 237 3.43 14.64 13.73
CA THR B 237 2.79 13.83 12.70
C THR B 237 2.29 14.67 11.55
N ILE B 238 1.65 15.79 11.87
CA ILE B 238 1.13 16.67 10.83
C ILE B 238 2.24 17.15 9.92
N LYS B 239 3.39 17.48 10.48
CA LYS B 239 4.50 18.00 9.68
C LYS B 239 5.14 16.91 8.83
N VAL B 240 5.35 15.73 9.42
CA VAL B 240 5.87 14.60 8.67
C VAL B 240 4.96 14.28 7.46
N ALA B 241 3.65 14.29 7.70
CA ALA B 241 2.71 14.03 6.61
C ALA B 241 2.76 15.14 5.54
N GLU B 242 2.80 16.40 5.97
CA GLU B 242 2.88 17.51 5.03
C GLU B 242 4.18 17.42 4.23
N LYS B 243 5.27 17.06 4.89
CA LYS B 243 6.52 16.90 4.18
C LYS B 243 6.41 15.87 3.05
N ALA B 244 5.80 14.72 3.32
CA ALA B 244 5.65 13.69 2.28
C ALA B 244 4.78 14.16 1.12
N VAL B 245 3.64 14.80 1.42
CA VAL B 245 2.75 15.34 0.40
C VAL B 245 3.48 16.28 -0.56
N GLY B 246 4.31 17.18 0.00
CA GLY B 246 5.10 18.10 -0.80
C GLY B 246 6.10 17.38 -1.70
N GLU B 247 6.90 16.49 -1.13
CA GLU B 247 7.94 15.81 -1.90
C GLU B 247 7.35 14.94 -3.02
N MET B 248 6.22 14.31 -2.77
CA MET B 248 5.67 13.38 -3.75
C MET B 248 4.67 14.05 -4.68
N ARG B 249 4.40 15.32 -4.41
CA ARG B 249 3.54 16.13 -5.27
C ARG B 249 2.14 15.58 -5.39
N LEU B 250 1.63 15.06 -4.28
CA LEU B 250 0.26 14.58 -4.22
C LEU B 250 -0.73 15.74 -4.23
ZN ZN C . 2.23 -1.08 -10.93
ZN ZN D . 3.01 2.10 -9.65
C1 GOL E . 7.00 -12.52 8.51
O1 GOL E . 8.36 -12.18 8.26
C2 GOL E . 6.12 -11.30 8.33
O2 GOL E . 4.91 -11.62 7.65
C3 GOL E . 5.80 -10.66 9.67
O3 GOL E . 4.82 -9.66 9.48
C1 GOL F . 13.08 0.41 -3.14
O1 GOL F . 14.34 -0.19 -3.01
C2 GOL F . 13.20 1.67 -3.98
O2 GOL F . 14.25 1.50 -4.92
C3 GOL F . 11.89 1.96 -4.70
O3 GOL F . 12.13 2.93 -5.70
C1 GOL G . 17.98 -2.31 -29.53
O1 GOL G . 17.52 -3.64 -29.61
C2 GOL G . 18.66 -1.89 -30.83
O2 GOL G . 18.26 -0.59 -31.23
C3 GOL G . 20.18 -1.98 -30.66
O3 GOL G . 20.83 -0.87 -31.25
C1 GOL H . -2.60 -8.38 -10.15
O1 GOL H . -1.58 -9.35 -10.25
C2 GOL H . -2.20 -7.23 -9.20
O2 GOL H . -3.11 -7.16 -8.12
C3 GOL H . -0.77 -7.41 -8.69
O3 GOL H . -0.40 -6.29 -7.91
ZN ZN I . 5.81 -21.46 -19.54
S DMS J . 14.32 -20.97 -20.82
O DMS J . 14.68 -19.54 -20.54
C1 DMS J . 12.58 -21.24 -20.42
C2 DMS J . 14.30 -21.26 -22.61
CL CL K . -4.11 6.71 -42.58
CL CL L . 3.74 16.19 -29.51
CL CL M . 22.42 7.33 -9.38
O01 8TW N . 0.43 -1.06 -9.23
C02 8TW N . 0.20 -1.60 -8.11
C03 8TW N . 1.11 -2.67 -7.58
C04 8TW N . 0.75 -3.40 -6.33
S05 8TW N . 1.96 -4.17 -5.84
C06 8TW N . 3.37 -3.49 -6.70
C07 8TW N . 2.77 -2.57 -7.82
C08 8TW N . 3.81 -1.50 -7.50
O09 8TW N . 3.22 -0.28 -7.13
O10 8TW N . 4.79 -1.35 -8.51
C11 8TW N . 4.26 -2.34 -6.26
CL2 8TW N . 3.76 -1.66 -4.73
CL3 8TW N . 5.96 -2.74 -6.21
O14 8TW N . -0.81 -1.26 -7.43
ZN ZN O . 0.95 -0.46 12.66
ZN ZN P . -1.27 -0.72 10.09
C1 GOL Q . 8.09 0.08 12.99
O1 GOL Q . 7.23 0.77 12.09
C2 GOL Q . 9.04 1.05 13.69
O2 GOL Q . 8.75 2.40 13.39
C3 GOL Q . 9.03 0.78 15.21
O3 GOL Q . 9.37 1.93 15.95
C1 GOL R . -13.63 15.51 23.38
O1 GOL R . -12.54 16.31 23.78
C2 GOL R . -14.24 16.06 22.08
O2 GOL R . -14.90 15.02 21.40
C3 GOL R . -15.27 17.15 22.38
O3 GOL R . -14.70 18.26 23.07
C1 GOL S . -12.52 -12.65 31.45
O1 GOL S . -13.45 -12.01 30.61
C2 GOL S . -11.58 -13.55 30.63
O2 GOL S . -11.28 -12.93 29.39
C3 GOL S . -10.30 -13.85 31.40
O3 GOL S . -9.34 -12.83 31.21
ZN ZN T . 12.80 -6.02 29.16
CL CL U . 15.80 -20.30 3.85
CL CL V . -13.17 19.87 9.21
O01 8TW W . 3.51 1.85 9.52
C02 8TW W . 3.32 0.94 10.36
C03 8TW W . 4.35 -0.15 10.48
C04 8TW W . 5.62 -0.02 9.68
S05 8TW W . 6.22 -1.38 9.42
C06 8TW W . 5.02 -2.57 9.98
C07 8TW W . 3.87 -1.73 10.64
C08 8TW W . 2.83 -2.56 9.90
O09 8TW W . 2.02 -1.79 9.05
O10 8TW W . 2.08 -3.37 10.77
C11 8TW W . 3.99 -3.31 9.15
CL2 8TW W . 4.07 -2.98 7.44
CL3 8TW W . 4.06 -5.04 9.36
O14 8TW W . 2.29 0.93 11.10
S SO4 X . 5.64 -21.92 16.01
O1 SO4 X . 6.54 -21.17 15.13
O2 SO4 X . 5.68 -23.35 15.70
O3 SO4 X . 6.10 -21.69 17.39
O4 SO4 X . 4.24 -21.45 15.84
C TRS Y . -8.62 -0.80 -0.80
C1 TRS Y . -9.62 -1.65 -1.60
C2 TRS Y . -8.29 -1.44 0.55
C3 TRS Y . -9.18 0.60 -0.62
N TRS Y . -7.37 -0.75 -1.57
O1 TRS Y . -9.71 -1.20 -2.95
O2 TRS Y . -7.23 -0.75 1.18
O3 TRS Y . -10.40 0.60 0.10
#